data_7H63
#
_entry.id   7H63
#
_cell.length_a   74.810
_cell.length_b   74.810
_cell.length_c   49.520
_cell.angle_alpha   90.00
_cell.angle_beta   90.00
_cell.angle_gamma   90.00
#
_symmetry.space_group_name_H-M   'P 43'
#
loop_
_entity.id
_entity.type
_entity.pdbx_description
1 polymer Chymase
2 non-polymer 'ZINC ION'
3 non-polymer (5S)-3-[(S)-[5-fluoro-3-(propan-2-yl)-1H-indol-2-yl](phenyl)methyl]-4-hydroxy-5-(propan-2-yl)-1,5-dihydro-2H-pyrrol-2-one
4 non-polymer 'DIMETHYL SULFOXIDE'
5 water water
#
_entity_poly.entity_id   1
_entity_poly.type   'polypeptide(L)'
_entity_poly.pdbx_seq_one_letter_code
;IIGGTESKPHSRPYMAYLEIVTSNGPSKFCGGFLIRRNFVLTAAHCAGRSITVTLGAHNITEEEDTWQKLEVIKQFRHPK
YNTSTLHHDIMLLKLKEKASLTLAVGTLPFPSQKNFVPPGRMCRVAGWGRTGVLKPGSDTLQEVKLRLMDPQACSHFRDF
DHNLQLCVGNPRKTKSAFKGDSGGPLLCAGVAQGIVSYGRSDAKPPAVFTRISHYRPWINQILQAN
;
_entity_poly.pdbx_strand_id   A
#
loop_
_chem_comp.id
_chem_comp.type
_chem_comp.name
_chem_comp.formula
A1AOZ non-polymer (5S)-3-[(S)-[5-fluoro-3-(propan-2-yl)-1H-indol-2-yl](phenyl)methyl]-4-hydroxy-5-(propan-2-yl)-1,5-dihydro-2H-pyrrol-2-one 'C25 H27 F N2 O2'
DMS non-polymer 'DIMETHYL SULFOXIDE' 'C2 H6 O S'
ZN non-polymer 'ZINC ION' 'Zn 2'
#
# COMPACT_ATOMS: atom_id res chain seq x y z
N ILE A 1 -5.75 -3.10 9.32
CA ILE A 1 -5.00 -2.34 10.38
C ILE A 1 -5.42 -2.86 11.75
N ILE A 2 -4.45 -3.31 12.55
CA ILE A 2 -4.70 -3.77 13.90
C ILE A 2 -4.27 -2.69 14.89
N GLY A 3 -5.17 -2.39 15.84
CA GLY A 3 -4.87 -1.50 16.95
C GLY A 3 -4.80 -0.03 16.53
N GLY A 4 -5.52 0.34 15.46
CA GLY A 4 -5.50 1.69 14.92
C GLY A 4 -6.74 2.50 15.30
N THR A 5 -6.90 3.64 14.63
CA THR A 5 -8.05 4.54 14.79
C THR A 5 -8.72 4.73 13.44
N GLU A 6 -10.00 5.13 13.45
CA GLU A 6 -10.71 5.48 12.22
C GLU A 6 -10.13 6.78 11.66
N SER A 7 -9.78 6.77 10.37
CA SER A 7 -9.30 7.97 9.69
C SER A 7 -10.40 9.03 9.67
N LYS A 8 -10.01 10.31 9.77
CA LYS A 8 -10.95 11.39 9.45
C LYS A 8 -11.37 11.20 8.00
N PRO A 9 -12.69 11.17 7.69
CA PRO A 9 -13.14 10.87 6.32
C PRO A 9 -12.52 11.80 5.27
N HIS A 10 -11.90 11.17 4.26
CA HIS A 10 -11.37 11.85 3.08
C HIS A 10 -10.08 12.62 3.40
N SER A 11 -9.45 12.34 4.54
CA SER A 11 -8.25 13.06 4.98
C SER A 11 -6.98 12.54 4.30
N ARG A 12 -7.08 11.40 3.61
CA ARG A 12 -5.97 10.82 2.86
C ARG A 12 -6.42 10.62 1.41
N PRO A 13 -6.56 11.71 0.62
CA PRO A 13 -7.24 11.65 -0.68
C PRO A 13 -6.57 10.85 -1.79
N TYR A 14 -5.33 10.40 -1.55
CA TYR A 14 -4.56 9.57 -2.47
C TYR A 14 -4.86 8.08 -2.31
N MET A 15 -5.58 7.68 -1.25
CA MET A 15 -5.77 6.27 -0.95
C MET A 15 -6.66 5.59 -1.99
N ALA A 16 -6.26 4.37 -2.40
CA ALA A 16 -6.97 3.57 -3.39
C ALA A 16 -7.37 2.23 -2.78
N TYR A 17 -8.63 1.82 -3.04
CA TYR A 17 -9.16 0.51 -2.65
C TYR A 17 -9.22 -0.36 -3.91
N LEU A 18 -8.55 -1.53 -3.85
CA LEU A 18 -8.37 -2.40 -5.00
C LEU A 18 -9.20 -3.68 -4.84
N GLU A 19 -10.02 -3.98 -5.86
CA GLU A 19 -10.73 -5.25 -5.96
C GLU A 19 -10.11 -6.07 -7.10
N ILE A 20 -9.60 -7.26 -6.76
CA ILE A 20 -8.75 -8.04 -7.65
C ILE A 20 -9.46 -9.34 -8.03
N VAL A 21 -9.58 -9.56 -9.35
CA VAL A 21 -10.29 -10.71 -9.90
C VAL A 21 -9.28 -11.75 -10.37
N THR A 22 -9.56 -13.02 -10.04
CA THR A 22 -8.84 -14.17 -10.57
C THR A 22 -9.85 -15.17 -11.15
N SER A 23 -9.35 -16.08 -11.99
CA SER A 23 -10.19 -16.98 -12.76
C SER A 23 -10.85 -18.04 -11.89
N ASN A 24 -10.21 -18.40 -10.76
CA ASN A 24 -10.54 -19.61 -10.01
C ASN A 24 -10.83 -19.31 -8.54
N GLY A 25 -11.24 -18.09 -8.22
CA GLY A 25 -11.66 -17.77 -6.87
C GLY A 25 -12.44 -16.45 -6.84
N PRO A 26 -13.08 -16.11 -5.69
CA PRO A 26 -13.79 -14.84 -5.54
C PRO A 26 -12.83 -13.65 -5.42
N SER A 27 -13.43 -12.44 -5.42
CA SER A 27 -12.68 -11.19 -5.30
C SER A 27 -11.73 -11.21 -4.10
N LYS A 28 -10.53 -10.65 -4.31
CA LYS A 28 -9.56 -10.38 -3.27
C LYS A 28 -9.35 -8.87 -3.16
N PHE A 29 -8.73 -8.39 -2.06
CA PHE A 29 -8.67 -6.96 -1.79
C PHE A 29 -7.28 -6.50 -1.32
N CYS A 30 -6.86 -5.33 -1.81
CA CYS A 30 -5.62 -4.67 -1.39
C CYS A 30 -5.82 -3.15 -1.31
N GLY A 31 -4.81 -2.46 -0.78
CA GLY A 31 -4.71 -1.01 -0.87
C GLY A 31 -3.75 -0.57 -1.97
N GLY A 32 -3.60 0.75 -2.11
CA GLY A 32 -2.73 1.38 -3.08
C GLY A 32 -2.78 2.91 -2.92
N PHE A 33 -2.02 3.66 -3.73
CA PHE A 33 -2.07 5.11 -3.64
C PHE A 33 -1.83 5.75 -5.01
N LEU A 34 -2.55 6.85 -5.28
CA LEU A 34 -2.48 7.56 -6.55
C LEU A 34 -1.25 8.47 -6.58
N ILE A 35 -0.32 8.24 -7.53
CA ILE A 35 0.90 9.05 -7.63
C ILE A 35 0.88 9.95 -8.87
N ARG A 36 0.04 9.60 -9.86
CA ARG A 36 -0.30 10.46 -10.99
C ARG A 36 -1.79 10.30 -11.26
N ARG A 37 -2.40 11.22 -12.04
CA ARG A 37 -3.84 11.13 -12.24
C ARG A 37 -4.23 9.79 -12.87
N ASN A 38 -3.31 9.11 -13.59
CA ASN A 38 -3.62 7.81 -14.18
C ASN A 38 -2.67 6.69 -13.75
N PHE A 39 -2.01 6.80 -12.58
CA PHE A 39 -1.17 5.73 -12.07
C PHE A 39 -1.35 5.53 -10.56
N VAL A 40 -1.54 4.25 -10.17
CA VAL A 40 -1.62 3.83 -8.79
C VAL A 40 -0.46 2.89 -8.48
N LEU A 41 0.23 3.13 -7.36
CA LEU A 41 1.29 2.27 -6.86
C LEU A 41 0.71 1.30 -5.83
N THR A 42 1.16 0.04 -5.87
CA THR A 42 0.68 -1.02 -4.98
C THR A 42 1.72 -2.14 -4.93
N ALA A 43 1.33 -3.30 -4.37
CA ALA A 43 2.21 -4.46 -4.25
C ALA A 43 1.99 -5.44 -5.40
N ALA A 44 3.10 -6.07 -5.87
CA ALA A 44 3.08 -7.02 -6.97
C ALA A 44 2.22 -8.24 -6.66
N HIS A 45 2.15 -8.64 -5.37
CA HIS A 45 1.40 -9.82 -4.99
C HIS A 45 -0.12 -9.58 -5.06
N CYS A 46 -0.53 -8.33 -5.31
CA CYS A 46 -1.93 -7.97 -5.49
C CYS A 46 -2.35 -8.03 -6.97
N ALA A 47 -1.50 -8.55 -7.85
CA ALA A 47 -1.83 -8.66 -9.27
C ALA A 47 -2.91 -9.72 -9.50
N GLY A 48 -3.62 -9.61 -10.62
CA GLY A 48 -4.63 -10.58 -10.98
C GLY A 48 -5.00 -10.51 -12.46
N ARG A 49 -6.11 -11.16 -12.83
CA ARG A 49 -6.58 -11.15 -14.21
C ARG A 49 -7.11 -9.76 -14.57
N SER A 50 -7.80 -9.11 -13.62
CA SER A 50 -8.25 -7.74 -13.77
C SER A 50 -8.43 -7.10 -12.40
N ILE A 51 -8.36 -5.76 -12.36
CA ILE A 51 -8.44 -4.99 -11.11
C ILE A 51 -9.34 -3.77 -11.34
N THR A 52 -10.15 -3.43 -10.32
N THR A 52 -10.15 -3.43 -10.32
CA THR A 52 -10.86 -2.16 -10.29
CA THR A 52 -10.86 -2.16 -10.29
C THR A 52 -10.35 -1.33 -9.11
C THR A 52 -10.36 -1.33 -9.10
N VAL A 53 -10.22 -0.02 -9.32
CA VAL A 53 -9.75 0.92 -8.32
C VAL A 53 -10.90 1.83 -7.91
N THR A 54 -11.14 1.98 -6.60
CA THR A 54 -12.08 2.97 -6.09
C THR A 54 -11.30 4.06 -5.34
N LEU A 55 -11.38 5.30 -5.86
CA LEU A 55 -10.84 6.49 -5.21
C LEU A 55 -11.98 7.23 -4.50
N GLY A 56 -11.62 8.01 -3.47
CA GLY A 56 -12.56 8.90 -2.80
C GLY A 56 -13.41 8.23 -1.71
N ALA A 57 -13.01 7.03 -1.24
CA ALA A 57 -13.82 6.26 -0.31
C ALA A 57 -13.43 6.51 1.14
N HIS A 58 -14.41 6.34 2.03
CA HIS A 58 -14.17 6.21 3.47
C HIS A 58 -14.81 4.91 3.95
N ASN A 59 -16.14 4.88 4.04
CA ASN A 59 -16.89 3.66 4.29
C ASN A 59 -17.17 2.99 2.95
N ILE A 60 -16.51 1.86 2.70
CA ILE A 60 -16.49 1.21 1.40
C ILE A 60 -17.82 0.48 1.14
N THR A 61 -18.75 0.46 2.13
CA THR A 61 -20.04 -0.19 1.95
C THR A 61 -21.12 0.81 1.55
N GLU A 62 -20.80 2.12 1.55
CA GLU A 62 -21.81 3.15 1.31
C GLU A 62 -21.41 4.04 0.14
N GLU A 63 -22.05 3.82 -1.01
N GLU A 63 -22.03 3.84 -1.02
CA GLU A 63 -21.88 4.62 -2.21
CA GLU A 63 -21.72 4.61 -2.22
C GLU A 63 -22.07 6.11 -1.90
C GLU A 63 -22.09 6.07 -1.98
N GLU A 64 -21.20 6.98 -2.44
CA GLU A 64 -21.35 8.42 -2.28
C GLU A 64 -20.75 9.15 -3.48
N ASP A 65 -21.04 10.46 -3.59
CA ASP A 65 -20.63 11.25 -4.74
C ASP A 65 -19.11 11.36 -4.86
N THR A 66 -18.35 11.25 -3.75
CA THR A 66 -16.90 11.34 -3.79
C THR A 66 -16.27 10.14 -4.52
N TRP A 67 -16.98 9.00 -4.58
CA TRP A 67 -16.44 7.79 -5.22
C TRP A 67 -16.09 8.03 -6.69
N GLN A 68 -14.93 7.54 -7.10
CA GLN A 68 -14.61 7.33 -8.51
C GLN A 68 -14.17 5.87 -8.70
N LYS A 69 -15.01 5.07 -9.39
CA LYS A 69 -14.68 3.69 -9.71
C LYS A 69 -14.01 3.67 -11.08
N LEU A 70 -12.73 3.30 -11.13
CA LEU A 70 -11.93 3.50 -12.32
C LEU A 70 -11.36 2.18 -12.84
N GLU A 71 -11.42 2.01 -14.16
CA GLU A 71 -10.91 0.84 -14.87
C GLU A 71 -9.39 0.91 -14.96
N VAL A 72 -8.74 -0.25 -14.80
CA VAL A 72 -7.31 -0.42 -15.03
C VAL A 72 -7.10 -1.01 -16.42
N ILE A 73 -6.26 -0.37 -17.24
N ILE A 73 -6.26 -0.35 -17.24
CA ILE A 73 -6.02 -0.86 -18.59
CA ILE A 73 -5.99 -0.81 -18.59
C ILE A 73 -4.83 -1.82 -18.63
C ILE A 73 -4.85 -1.84 -18.60
N LYS A 74 -3.81 -1.60 -17.79
CA LYS A 74 -2.62 -2.44 -17.79
C LYS A 74 -1.95 -2.49 -16.42
N GLN A 75 -1.39 -3.67 -16.09
CA GLN A 75 -0.65 -3.90 -14.86
C GLN A 75 0.84 -4.02 -15.18
N PHE A 76 1.68 -3.29 -14.44
CA PHE A 76 3.13 -3.33 -14.60
C PHE A 76 3.78 -3.88 -13.33
N ARG A 77 3.90 -5.21 -13.26
CA ARG A 77 4.54 -5.86 -12.12
C ARG A 77 6.05 -5.77 -12.27
N HIS A 78 6.78 -5.58 -11.17
CA HIS A 78 8.23 -5.52 -11.24
C HIS A 78 8.75 -6.78 -11.91
N PRO A 79 9.64 -6.68 -12.94
CA PRO A 79 10.10 -7.86 -13.68
C PRO A 79 10.92 -8.87 -12.88
N LYS A 80 11.43 -8.48 -11.70
CA LYS A 80 12.24 -9.37 -10.87
C LYS A 80 11.46 -9.85 -9.64
N TYR A 81 10.16 -9.57 -9.57
CA TYR A 81 9.34 -10.01 -8.45
C TYR A 81 9.44 -11.53 -8.34
N ASN A 82 9.67 -12.03 -7.10
CA ASN A 82 9.93 -13.43 -6.84
C ASN A 82 8.91 -13.92 -5.83
N THR A 83 8.13 -14.95 -6.21
CA THR A 83 7.01 -15.41 -5.40
C THR A 83 7.50 -16.24 -4.20
N SER A 84 8.77 -16.64 -4.19
CA SER A 84 9.34 -17.39 -3.07
C SER A 84 9.89 -16.45 -2.00
N THR A 85 10.79 -15.54 -2.39
CA THR A 85 11.47 -14.63 -1.46
C THR A 85 10.63 -13.40 -1.16
N LEU A 86 9.71 -13.05 -2.07
CA LEU A 86 8.89 -11.85 -2.03
C LEU A 86 9.73 -10.58 -2.24
N HIS A 87 10.96 -10.72 -2.76
CA HIS A 87 11.74 -9.55 -3.15
C HIS A 87 11.04 -8.82 -4.31
N HIS A 88 11.15 -7.47 -4.30
CA HIS A 88 10.67 -6.60 -5.36
C HIS A 88 9.15 -6.66 -5.48
N ASP A 89 8.47 -6.57 -4.33
CA ASP A 89 7.02 -6.65 -4.26
C ASP A 89 6.41 -5.28 -4.54
N ILE A 90 6.40 -4.89 -5.82
CA ILE A 90 5.94 -3.56 -6.21
C ILE A 90 5.36 -3.63 -7.62
N MET A 91 4.29 -2.84 -7.86
CA MET A 91 3.55 -2.85 -9.11
C MET A 91 2.90 -1.49 -9.36
N LEU A 92 2.91 -1.05 -10.62
CA LEU A 92 2.18 0.13 -11.06
C LEU A 92 0.95 -0.28 -11.86
N LEU A 93 -0.20 0.39 -11.59
CA LEU A 93 -1.43 0.21 -12.36
C LEU A 93 -1.71 1.46 -13.17
N LYS A 94 -1.87 1.32 -14.50
CA LYS A 94 -2.26 2.43 -15.34
C LYS A 94 -3.79 2.42 -15.49
N LEU A 95 -4.42 3.57 -15.20
CA LEU A 95 -5.86 3.72 -15.29
C LEU A 95 -6.24 4.08 -16.74
N LYS A 96 -7.42 3.61 -17.16
N LYS A 96 -7.42 3.63 -17.16
CA LYS A 96 -7.92 3.83 -18.51
CA LYS A 96 -7.88 3.83 -18.53
C LYS A 96 -8.02 5.33 -18.81
C LYS A 96 -8.02 5.33 -18.82
N GLU A 97 -8.46 6.10 -17.81
CA GLU A 97 -8.57 7.55 -17.93
C GLU A 97 -7.96 8.21 -16.69
N LYS A 98 -7.70 9.52 -16.79
CA LYS A 98 -7.17 10.28 -15.67
C LYS A 98 -8.30 10.54 -14.68
N ALA A 99 -8.01 10.35 -13.38
CA ALA A 99 -8.96 10.66 -12.31
C ALA A 99 -9.28 12.14 -12.28
N SER A 100 -10.48 12.47 -11.77
CA SER A 100 -10.85 13.85 -11.46
C SER A 100 -10.22 14.29 -10.14
N LEU A 101 -9.71 15.52 -10.11
CA LEU A 101 -9.24 16.12 -8.87
C LEU A 101 -10.42 16.74 -8.13
N THR A 102 -10.60 16.32 -6.87
CA THR A 102 -11.63 16.87 -5.98
C THR A 102 -11.00 17.05 -4.60
N LEU A 103 -11.79 17.56 -3.64
CA LEU A 103 -11.33 17.63 -2.25
C LEU A 103 -10.95 16.23 -1.75
N ALA A 104 -11.71 15.21 -2.18
CA ALA A 104 -11.57 13.86 -1.65
C ALA A 104 -10.59 13.00 -2.45
N VAL A 105 -10.13 13.48 -3.62
CA VAL A 105 -9.26 12.72 -4.51
C VAL A 105 -8.15 13.60 -5.06
N GLY A 106 -6.90 13.19 -4.79
CA GLY A 106 -5.71 13.90 -5.26
C GLY A 106 -4.48 13.00 -5.24
N THR A 107 -3.41 13.42 -5.91
CA THR A 107 -2.19 12.63 -6.02
C THR A 107 -1.28 12.90 -4.82
N LEU A 108 -0.42 11.91 -4.55
CA LEU A 108 0.71 12.06 -3.66
C LEU A 108 2.00 11.92 -4.48
N PRO A 109 2.53 13.00 -5.09
CA PRO A 109 3.77 12.92 -5.86
C PRO A 109 5.00 12.80 -4.97
N PHE A 110 6.07 12.18 -5.49
CA PHE A 110 7.32 12.04 -4.77
C PHE A 110 8.08 13.35 -4.85
N PRO A 111 8.80 13.75 -3.79
CA PRO A 111 9.72 14.89 -3.86
C PRO A 111 10.97 14.48 -4.64
N SER A 112 11.83 15.46 -4.94
N SER A 112 11.81 15.47 -4.95
CA SER A 112 13.01 15.23 -5.74
CA SER A 112 13.03 15.27 -5.73
C SER A 112 13.98 14.29 -5.03
C SER A 112 13.96 14.27 -5.02
N GLN A 113 14.18 14.52 -3.73
CA GLN A 113 15.12 13.72 -2.92
C GLN A 113 14.61 12.29 -2.74
N LYS A 114 15.55 11.34 -2.71
CA LYS A 114 15.27 9.94 -2.45
C LYS A 114 16.34 9.38 -1.50
N ASN A 115 16.48 10.04 -0.35
CA ASN A 115 17.46 9.67 0.66
C ASN A 115 17.03 8.36 1.33
N PHE A 116 18.01 7.54 1.72
CA PHE A 116 17.79 6.31 2.44
C PHE A 116 17.32 6.64 3.85
N VAL A 117 16.15 6.10 4.25
CA VAL A 117 15.56 6.41 5.55
C VAL A 117 16.11 5.43 6.58
N PRO A 118 16.83 5.91 7.61
CA PRO A 118 17.34 5.03 8.67
C PRO A 118 16.30 4.72 9.74
N PRO A 119 16.53 3.70 10.59
CA PRO A 119 15.62 3.39 11.71
C PRO A 119 15.52 4.49 12.77
N GLY A 120 14.41 4.51 13.51
CA GLY A 120 14.27 5.33 14.71
C GLY A 120 12.93 6.08 14.82
N ARG A 121 12.43 6.61 13.70
CA ARG A 121 11.34 7.56 13.72
C ARG A 121 9.97 6.86 13.64
N MET A 122 8.90 7.66 13.82
CA MET A 122 7.53 7.15 13.74
C MET A 122 6.94 7.53 12.37
N CYS A 123 6.17 6.59 11.79
CA CYS A 123 5.51 6.78 10.51
C CYS A 123 4.07 6.29 10.62
N ARG A 124 3.23 6.58 9.61
CA ARG A 124 1.81 6.23 9.67
C ARG A 124 1.41 5.44 8.42
N VAL A 125 0.53 4.44 8.61
CA VAL A 125 0.02 3.61 7.52
C VAL A 125 -1.50 3.51 7.64
N ALA A 126 -2.20 3.44 6.49
CA ALA A 126 -3.66 3.39 6.46
C ALA A 126 -4.13 2.25 5.55
N GLY A 127 -5.33 1.71 5.83
CA GLY A 127 -5.92 0.67 5.00
C GLY A 127 -7.29 0.18 5.48
N TRP A 128 -7.93 -0.64 4.63
CA TRP A 128 -9.23 -1.25 4.89
C TRP A 128 -9.08 -2.72 5.27
N GLY A 129 -7.87 -3.16 5.64
CA GLY A 129 -7.59 -4.56 5.88
C GLY A 129 -8.16 -5.07 7.21
N ARG A 130 -7.85 -6.35 7.51
CA ARG A 130 -8.37 -7.01 8.69
CA ARG A 130 -8.37 -7.00 8.70
C ARG A 130 -7.93 -6.27 9.95
N THR A 131 -8.79 -6.25 10.98
CA THR A 131 -8.51 -5.57 12.24
C THR A 131 -8.08 -6.58 13.30
N GLY A 132 -7.91 -7.83 12.89
CA GLY A 132 -7.44 -8.90 13.75
C GLY A 132 -7.22 -10.17 12.92
N VAL A 133 -6.53 -11.16 13.51
CA VAL A 133 -6.24 -12.40 12.81
C VAL A 133 -7.54 -13.05 12.35
N LEU A 134 -8.57 -13.05 13.20
CA LEU A 134 -9.82 -13.75 12.93
C LEU A 134 -10.97 -12.78 12.64
N LYS A 135 -10.65 -11.55 12.22
CA LYS A 135 -11.67 -10.53 11.97
C LYS A 135 -11.64 -10.11 10.50
N PRO A 136 -12.79 -10.14 9.81
CA PRO A 136 -12.89 -9.44 8.53
C PRO A 136 -12.26 -8.05 8.32
N GLY A 137 -12.14 -7.67 7.05
CA GLY A 137 -11.71 -6.33 6.67
C GLY A 137 -12.63 -5.25 7.23
N SER A 138 -12.04 -4.06 7.46
CA SER A 138 -12.75 -2.93 8.03
C SER A 138 -13.66 -2.28 6.98
N ASP A 139 -14.86 -1.87 7.40
CA ASP A 139 -15.75 -1.10 6.53
C ASP A 139 -15.19 0.31 6.30
N THR A 140 -14.51 0.89 7.30
CA THR A 140 -13.98 2.24 7.24
C THR A 140 -12.46 2.23 7.11
N LEU A 141 -11.91 3.28 6.51
CA LEU A 141 -10.46 3.46 6.45
C LEU A 141 -9.93 3.65 7.87
N GLN A 142 -8.89 2.86 8.20
CA GLN A 142 -8.23 2.88 9.50
C GLN A 142 -6.78 3.31 9.32
N GLU A 143 -6.15 3.82 10.40
CA GLU A 143 -4.74 4.16 10.34
C GLU A 143 -4.08 3.98 11.71
N VAL A 144 -2.75 3.89 11.70
CA VAL A 144 -1.97 3.57 12.90
C VAL A 144 -0.55 4.13 12.76
N LYS A 145 0.02 4.57 13.89
CA LYS A 145 1.39 5.08 13.95
C LYS A 145 2.33 3.96 14.38
N LEU A 146 3.41 3.73 13.62
CA LEU A 146 4.32 2.61 13.84
C LEU A 146 5.77 3.10 13.88
N ARG A 147 6.62 2.36 14.62
CA ARG A 147 8.03 2.68 14.77
C ARG A 147 8.86 1.98 13.70
N LEU A 148 9.74 2.75 13.04
N LEU A 148 9.77 2.75 13.09
CA LEU A 148 10.76 2.19 12.15
CA LEU A 148 10.76 2.21 12.17
C LEU A 148 11.83 1.52 13.01
C LEU A 148 11.87 1.54 12.97
N MET A 149 12.04 0.22 12.78
CA MET A 149 12.92 -0.60 13.60
C MET A 149 14.27 -0.82 12.92
N ASP A 150 15.30 -1.11 13.72
CA ASP A 150 16.57 -1.56 13.20
C ASP A 150 16.37 -2.88 12.46
N PRO A 151 17.16 -3.17 11.40
CA PRO A 151 16.91 -4.35 10.56
C PRO A 151 16.97 -5.71 11.28
N GLN A 152 17.77 -5.80 12.36
CA GLN A 152 17.91 -7.03 13.10
C GLN A 152 16.56 -7.47 13.70
N ALA A 153 15.64 -6.50 13.88
CA ALA A 153 14.31 -6.81 14.41
C ALA A 153 13.50 -7.69 13.46
N CYS A 154 13.89 -7.75 12.17
CA CYS A 154 13.17 -8.51 11.16
C CYS A 154 13.98 -9.74 10.69
N SER A 155 15.00 -10.14 11.46
CA SER A 155 15.91 -11.20 11.06
C SER A 155 15.17 -12.54 10.85
N HIS A 156 14.12 -12.77 11.65
CA HIS A 156 13.37 -14.02 11.62
C HIS A 156 12.65 -14.23 10.28
N PHE A 157 12.39 -13.15 9.55
CA PHE A 157 12.03 -13.23 8.14
C PHE A 157 13.31 -13.49 7.35
N ARG A 158 13.54 -14.74 6.95
CA ARG A 158 14.86 -15.15 6.51
C ARG A 158 15.24 -14.51 5.17
N ASP A 159 14.23 -14.06 4.40
CA ASP A 159 14.46 -13.42 3.11
C ASP A 159 14.33 -11.90 3.17
N PHE A 160 14.23 -11.33 4.38
CA PHE A 160 14.29 -9.88 4.55
C PHE A 160 15.67 -9.36 4.16
N ASP A 161 15.72 -8.17 3.53
CA ASP A 161 16.98 -7.48 3.28
C ASP A 161 16.84 -5.98 3.54
N HIS A 162 17.80 -5.42 4.28
CA HIS A 162 17.77 -4.03 4.74
C HIS A 162 17.82 -3.03 3.57
N ASN A 163 18.49 -3.40 2.47
CA ASN A 163 18.66 -2.49 1.35
C ASN A 163 17.35 -2.39 0.55
N LEU A 164 16.51 -3.45 0.59
CA LEU A 164 15.32 -3.54 -0.23
C LEU A 164 14.05 -3.17 0.55
N GLN A 165 14.09 -3.28 1.88
CA GLN A 165 12.88 -3.30 2.69
C GLN A 165 13.06 -2.53 4.01
N LEU A 166 11.93 -2.06 4.55
CA LEU A 166 11.86 -1.43 5.87
C LEU A 166 11.26 -2.44 6.86
N CYS A 167 11.71 -2.34 8.13
CA CYS A 167 11.24 -3.16 9.23
C CYS A 167 10.41 -2.27 10.16
N VAL A 168 9.10 -2.58 10.27
CA VAL A 168 8.14 -1.61 10.80
C VAL A 168 7.23 -2.22 11.86
N GLY A 169 7.22 -1.61 13.06
CA GLY A 169 6.34 -2.00 14.15
C GLY A 169 7.11 -2.54 15.35
N ASN A 170 7.02 -1.82 16.48
CA ASN A 170 7.60 -2.23 17.76
C ASN A 170 6.99 -3.57 18.18
N PRO A 171 7.80 -4.63 18.41
CA PRO A 171 7.25 -5.93 18.84
C PRO A 171 6.51 -5.94 20.19
N ARG A 172 6.73 -4.90 21.02
CA ARG A 172 6.09 -4.78 22.32
C ARG A 172 4.64 -4.29 22.22
N LYS A 173 4.18 -3.90 21.03
CA LYS A 173 2.84 -3.40 20.82
C LYS A 173 2.07 -4.35 19.89
N THR A 174 0.75 -4.21 19.84
CA THR A 174 -0.08 -5.01 18.93
C THR A 174 -0.26 -4.28 17.59
N LYS A 175 0.04 -2.97 17.56
CA LYS A 175 -0.21 -2.15 16.38
C LYS A 175 0.53 -2.69 15.16
N SER A 176 -0.19 -2.86 14.03
CA SER A 176 0.40 -3.41 12.82
C SER A 176 -0.52 -3.26 11.62
N ALA A 177 0.07 -3.30 10.41
CA ALA A 177 -0.66 -3.58 9.18
C ALA A 177 -0.90 -5.09 9.07
N PHE A 178 -1.94 -5.50 8.32
CA PHE A 178 -2.20 -6.92 8.13
C PHE A 178 -2.86 -7.17 6.76
N LYS A 179 -3.28 -8.42 6.52
CA LYS A 179 -3.93 -8.83 5.28
C LYS A 179 -5.02 -7.83 4.89
N GLY A 180 -5.00 -7.43 3.61
CA GLY A 180 -5.93 -6.44 3.09
C GLY A 180 -5.32 -5.05 3.00
N ASP A 181 -4.24 -4.82 3.78
CA ASP A 181 -3.55 -3.54 3.79
C ASP A 181 -2.39 -3.52 2.79
N SER A 182 -2.01 -4.69 2.23
CA SER A 182 -0.87 -4.74 1.31
C SER A 182 -1.08 -3.75 0.17
N GLY A 183 0.01 -3.06 -0.20
CA GLY A 183 -0.01 -2.08 -1.29
C GLY A 183 -0.19 -0.64 -0.80
N GLY A 184 -0.63 -0.46 0.45
CA GLY A 184 -0.85 0.87 1.00
C GLY A 184 0.46 1.57 1.35
N PRO A 185 0.48 2.93 1.40
CA PRO A 185 1.69 3.68 1.72
C PRO A 185 2.00 3.84 3.20
N LEU A 186 3.29 3.82 3.52
CA LEU A 186 3.80 4.22 4.83
C LEU A 186 4.38 5.63 4.68
N LEU A 187 3.80 6.60 5.40
CA LEU A 187 4.21 8.00 5.29
C LEU A 187 5.02 8.39 6.53
N CYS A 188 6.18 8.99 6.28
CA CYS A 188 7.04 9.51 7.35
C CYS A 188 7.16 11.03 7.15
N ALA A 189 6.60 11.80 8.09
CA ALA A 189 6.48 13.25 7.96
C ALA A 189 5.86 13.63 6.62
N GLY A 190 4.77 12.94 6.26
CA GLY A 190 3.96 13.31 5.11
C GLY A 190 4.53 12.83 3.77
N VAL A 191 5.62 12.04 3.80
CA VAL A 191 6.29 11.57 2.59
C VAL A 191 6.26 10.05 2.54
N ALA A 192 5.85 9.49 1.39
CA ALA A 192 5.75 8.04 1.23
C ALA A 192 7.15 7.43 1.17
N GLN A 193 7.44 6.52 2.12
CA GLN A 193 8.76 5.90 2.20
C GLN A 193 8.67 4.38 2.05
N GLY A 194 7.47 3.80 2.26
CA GLY A 194 7.31 2.35 2.18
C GLY A 194 5.96 1.92 1.62
N ILE A 195 5.87 0.62 1.26
N ILE A 195 5.85 0.63 1.27
CA ILE A 195 4.64 -0.02 0.81
CA ILE A 195 4.58 0.04 0.89
C ILE A 195 4.43 -1.29 1.63
C ILE A 195 4.41 -1.29 1.58
N VAL A 196 3.21 -1.52 2.13
CA VAL A 196 2.90 -2.71 2.91
C VAL A 196 3.15 -3.95 2.04
N SER A 197 3.94 -4.91 2.55
CA SER A 197 4.21 -6.15 1.81
C SER A 197 3.68 -7.38 2.57
N TYR A 198 4.38 -7.84 3.62
CA TYR A 198 3.96 -9.04 4.31
C TYR A 198 4.39 -9.00 5.78
N GLY A 199 3.98 -10.03 6.54
CA GLY A 199 4.31 -10.19 7.94
C GLY A 199 4.03 -11.62 8.39
N ARG A 200 3.89 -11.83 9.71
CA ARG A 200 3.57 -13.15 10.26
C ARG A 200 2.07 -13.42 10.15
N SER A 201 1.70 -14.70 10.03
CA SER A 201 0.30 -15.11 9.96
C SER A 201 -0.46 -14.80 11.25
N ASP A 202 0.27 -14.63 12.38
CA ASP A 202 -0.36 -14.33 13.66
C ASP A 202 -0.33 -12.83 13.97
N ALA A 203 0.18 -12.03 13.04
CA ALA A 203 0.12 -10.56 13.08
C ALA A 203 1.00 -9.96 14.17
N LYS A 204 1.96 -10.71 14.73
CA LYS A 204 2.88 -10.14 15.71
C LYS A 204 3.90 -9.27 14.97
N PRO A 205 3.97 -7.96 15.29
CA PRO A 205 4.94 -7.08 14.63
C PRO A 205 6.37 -7.43 15.00
N PRO A 206 7.40 -6.99 14.23
CA PRO A 206 7.24 -6.12 13.06
C PRO A 206 6.80 -6.79 11.76
N ALA A 207 6.44 -5.96 10.78
CA ALA A 207 6.11 -6.41 9.42
C ALA A 207 7.12 -5.82 8.42
N VAL A 208 7.06 -6.33 7.18
CA VAL A 208 8.04 -6.02 6.14
C VAL A 208 7.36 -5.13 5.10
N PHE A 209 8.02 -4.01 4.77
CA PHE A 209 7.54 -3.04 3.79
C PHE A 209 8.59 -2.88 2.68
N THR A 210 8.13 -2.67 1.44
CA THR A 210 9.04 -2.36 0.34
C THR A 210 9.62 -0.96 0.57
N ARG A 211 10.94 -0.82 0.40
CA ARG A 211 11.63 0.46 0.55
C ARG A 211 11.58 1.24 -0.76
N ILE A 212 10.77 2.30 -0.80
CA ILE A 212 10.46 2.97 -2.06
C ILE A 212 11.72 3.55 -2.71
N SER A 213 12.65 4.09 -1.91
CA SER A 213 13.83 4.78 -2.44
C SER A 213 14.61 3.90 -3.42
N HIS A 214 14.63 2.58 -3.16
CA HIS A 214 15.39 1.65 -3.98
C HIS A 214 14.79 1.53 -5.39
N TYR A 215 13.48 1.79 -5.53
CA TYR A 215 12.75 1.54 -6.76
C TYR A 215 12.40 2.82 -7.51
N ARG A 216 12.90 3.98 -7.06
CA ARG A 216 12.57 5.25 -7.70
C ARG A 216 12.98 5.24 -9.18
N PRO A 217 14.18 4.71 -9.57
CA PRO A 217 14.54 4.63 -10.99
C PRO A 217 13.56 3.81 -11.83
N TRP A 218 13.12 2.67 -11.30
CA TRP A 218 12.19 1.81 -12.02
C TRP A 218 10.84 2.50 -12.18
N ILE A 219 10.34 3.14 -11.11
CA ILE A 219 9.08 3.86 -11.17
C ILE A 219 9.14 4.92 -12.26
N ASN A 220 10.22 5.71 -12.27
CA ASN A 220 10.38 6.79 -13.22
C ASN A 220 10.40 6.25 -14.65
N GLN A 221 11.02 5.08 -14.85
CA GLN A 221 11.17 4.47 -16.17
C GLN A 221 9.80 4.13 -16.75
N ILE A 222 8.94 3.51 -15.92
CA ILE A 222 7.60 3.12 -16.33
C ILE A 222 6.79 4.36 -16.65
N LEU A 223 6.82 5.37 -15.76
CA LEU A 223 6.01 6.57 -15.92
C LEU A 223 6.39 7.31 -17.20
N GLN A 224 7.69 7.42 -17.48
CA GLN A 224 8.16 8.19 -18.63
C GLN A 224 7.82 7.49 -19.95
N ALA A 225 7.69 6.16 -19.93
CA ALA A 225 7.50 5.37 -21.15
C ALA A 225 6.03 5.13 -21.47
N ASN A 226 5.12 5.46 -20.52
CA ASN A 226 3.71 5.10 -20.66
C ASN A 226 2.84 6.33 -20.39
ZN ZN B . -17.86 11.29 2.09
C4 A1AOZ C . -2.52 -10.60 1.15
C6 A1AOZ C . -0.91 -12.14 2.44
C7 A1AOZ C . -0.02 -11.56 4.79
C10 A1AOZ C . -3.89 -10.69 0.55
C13 A1AOZ C . 0.78 -9.98 6.74
C17 A1AOZ C . 0.19 -12.97 5.33
C20 A1AOZ C . 0.61 -7.62 6.19
C22 A1AOZ C . 0.04 -13.16 0.32
C24 A1AOZ C . 1.62 -13.44 5.20
C26 A1AOZ C . -3.18 -11.88 -1.59
C28 A1AOZ C . 1.03 -13.30 -0.64
C1 A1AOZ C . -2.22 -11.77 1.78
C2 A1AOZ C . -0.51 -11.23 3.57
C3 A1AOZ C . -3.37 -12.68 1.62
N5 A1AOZ C . -4.33 -12.03 0.94
N8 A1AOZ C . -0.53 -9.85 3.42
C9 A1AOZ C . 0.28 -10.32 5.48
C11 A1AOZ C . -0.05 -9.27 4.60
O12 A1AOZ C . -3.44 -13.84 2.05
C14 A1AOZ C . 0.20 -12.31 1.41
O15 A1AOZ C . -1.74 -9.46 1.06
C16 A1AOZ C . 0.11 -7.94 4.94
C18 A1AOZ C . -3.78 -10.60 -0.99
C19 A1AOZ C . 0.93 -8.64 7.05
F21 A1AOZ C . 1.44 -8.32 8.27
C23 A1AOZ C . 1.38 -11.58 1.49
C25 A1AOZ C . -0.35 -13.14 6.74
C27 A1AOZ C . -5.12 -10.29 -1.64
C29 A1AOZ C . 2.38 -11.72 0.53
C30 A1AOZ C . 2.20 -12.59 -0.53
S DMS D . 9.15 -16.39 11.32
O DMS D . 7.89 -15.76 11.86
C1 DMS D . 8.87 -18.14 11.33
C2 DMS D . 9.09 -16.14 9.56
#